data_7TVR
#
_entry.id   7TVR
#
_entity_poly.entity_id   1
_entity_poly.type   'polypeptide(L)'
_entity_poly.pdbx_seq_one_letter_code
;STCCGYRMCVPC(NH2)
;
_entity_poly.pdbx_strand_id   A
#
loop_
_chem_comp.id
_chem_comp.type
_chem_comp.name
_chem_comp.formula
NH2 non-polymer 'AMINO GROUP' 'H2 N'
#
# COMPACT_ATOMS: atom_id res chain seq x y z
N SER A 1 -7.87 -3.65 3.53
CA SER A 1 -7.55 -2.23 3.34
C SER A 1 -6.07 -2.05 3.01
N THR A 2 -5.75 -2.12 1.72
CA THR A 2 -4.37 -2.01 1.28
C THR A 2 -4.12 -0.66 0.62
N CYS A 3 -3.15 0.09 1.14
CA CYS A 3 -2.83 1.39 0.59
C CYS A 3 -1.59 1.30 -0.28
N CYS A 4 -1.74 1.58 -1.57
CA CYS A 4 -0.62 1.58 -2.49
C CYS A 4 0.01 2.95 -2.57
N GLY A 5 1.31 3.00 -2.29
CA GLY A 5 2.03 4.26 -2.34
C GLY A 5 2.75 4.45 -3.65
N TYR A 6 3.95 3.89 -3.75
CA TYR A 6 4.74 4.01 -4.95
C TYR A 6 5.09 2.63 -5.50
N ARG A 7 6.04 1.97 -4.85
CA ARG A 7 6.52 0.68 -5.30
C ARG A 7 5.97 -0.45 -4.47
N MET A 8 5.24 -0.12 -3.41
CA MET A 8 4.74 -1.13 -2.49
C MET A 8 3.33 -0.79 -2.02
N CYS A 9 2.52 -1.82 -1.86
CA CYS A 9 1.19 -1.66 -1.30
C CYS A 9 1.16 -2.24 0.11
N VAL A 10 0.95 -1.39 1.10
CA VAL A 10 1.03 -1.78 2.50
C VAL A 10 -0.35 -2.05 3.08
N PRO A 11 -0.45 -2.93 4.09
CA PRO A 11 -1.69 -3.18 4.81
C PRO A 11 -1.96 -2.06 5.81
N CYS A 12 -3.13 -1.46 5.71
CA CYS A 12 -3.50 -0.36 6.58
C CYS A 12 -4.60 -0.79 7.56
N NH2 A 13 -4.19 -1.19 8.75
HN1 NH2 A 13 -3.23 -1.18 8.94
HN2 NH2 A 13 -4.87 -1.48 9.39
N SER A 1 -7.73 -3.65 3.91
CA SER A 1 -7.59 -2.50 2.99
C SER A 1 -6.16 -2.40 2.51
N THR A 2 -5.98 -2.09 1.23
CA THR A 2 -4.65 -1.99 0.65
C THR A 2 -4.30 -0.54 0.33
N CYS A 3 -3.21 -0.06 0.91
CA CYS A 3 -2.75 1.31 0.66
C CYS A 3 -1.38 1.27 0.00
N CYS A 4 -1.35 1.53 -1.30
CA CYS A 4 -0.10 1.58 -2.05
C CYS A 4 0.44 3.00 -2.08
N GLY A 5 1.73 3.14 -1.81
CA GLY A 5 2.36 4.43 -1.87
C GLY A 5 2.91 4.72 -3.24
N TYR A 6 3.94 3.96 -3.62
CA TYR A 6 4.50 4.06 -4.95
C TYR A 6 4.71 2.67 -5.55
N ARG A 7 5.78 2.01 -5.14
CA ARG A 7 6.08 0.67 -5.64
C ARG A 7 5.72 -0.39 -4.61
N MET A 8 5.34 0.04 -3.42
CA MET A 8 5.04 -0.90 -2.34
C MET A 8 3.60 -0.71 -1.86
N CYS A 9 2.95 -1.83 -1.56
CA CYS A 9 1.59 -1.79 -1.03
C CYS A 9 1.56 -2.45 0.34
N VAL A 10 1.05 -1.72 1.33
CA VAL A 10 0.99 -2.23 2.69
C VAL A 10 -0.45 -2.22 3.18
N PRO A 11 -0.79 -3.11 4.14
CA PRO A 11 -2.10 -3.10 4.78
C PRO A 11 -2.33 -1.82 5.56
N CYS A 12 -3.41 -1.11 5.25
CA CYS A 12 -3.71 0.17 5.88
C CYS A 12 -3.98 0.00 7.37
N NH2 A 13 -3.01 0.39 8.18
HN1 NH2 A 13 -2.20 0.78 7.79
HN2 NH2 A 13 -3.15 0.28 9.16
N SER A 1 -8.20 -3.05 3.32
CA SER A 1 -7.40 -1.89 3.74
C SER A 1 -5.97 -2.01 3.21
N THR A 2 -5.78 -1.66 1.94
CA THR A 2 -4.48 -1.77 1.30
C THR A 2 -4.12 -0.45 0.62
N CYS A 3 -2.98 0.11 0.97
CA CYS A 3 -2.57 1.39 0.38
C CYS A 3 -1.31 1.21 -0.48
N CYS A 4 -1.47 1.38 -1.78
CA CYS A 4 -0.34 1.36 -2.69
C CYS A 4 0.24 2.77 -2.82
N GLY A 5 1.37 2.98 -2.15
CA GLY A 5 2.00 4.28 -2.18
C GLY A 5 2.64 4.57 -3.52
N TYR A 6 3.74 3.90 -3.79
CA TYR A 6 4.42 4.04 -5.07
C TYR A 6 4.91 2.69 -5.57
N ARG A 7 5.87 2.12 -4.86
CA ARG A 7 6.48 0.87 -5.28
C ARG A 7 5.97 -0.31 -4.46
N MET A 8 5.20 -0.03 -3.42
CA MET A 8 4.74 -1.09 -2.52
C MET A 8 3.33 -0.81 -2.01
N CYS A 9 2.57 -1.87 -1.81
CA CYS A 9 1.24 -1.76 -1.21
C CYS A 9 1.26 -2.34 0.20
N VAL A 10 1.02 -1.50 1.19
CA VAL A 10 1.07 -1.93 2.58
C VAL A 10 -0.33 -2.08 3.16
N PRO A 11 -0.49 -2.95 4.16
CA PRO A 11 -1.74 -3.10 4.89
C PRO A 11 -1.95 -1.93 5.84
N CYS A 12 -3.06 -1.23 5.69
CA CYS A 12 -3.31 -0.03 6.48
C CYS A 12 -4.35 -0.29 7.56
N NH2 A 13 -3.89 -0.64 8.75
HN1 NH2 A 13 -2.91 -0.70 8.86
HN2 NH2 A 13 -4.52 -0.82 9.45
N SER A 1 -7.13 -3.57 4.70
CA SER A 1 -7.09 -2.33 3.90
C SER A 1 -5.72 -2.18 3.26
N THR A 2 -5.70 -2.04 1.94
CA THR A 2 -4.44 -2.00 1.20
C THR A 2 -4.20 -0.62 0.59
N CYS A 3 -3.07 -0.02 0.95
CA CYS A 3 -2.71 1.29 0.43
C CYS A 3 -1.37 1.21 -0.31
N CYS A 4 -1.42 1.40 -1.61
CA CYS A 4 -0.22 1.41 -2.43
C CYS A 4 0.38 2.81 -2.45
N GLY A 5 1.56 2.94 -1.84
CA GLY A 5 2.21 4.22 -1.77
C GLY A 5 2.84 4.61 -3.08
N TYR A 6 3.87 3.88 -3.47
CA TYR A 6 4.53 4.11 -4.75
C TYR A 6 4.86 2.77 -5.41
N ARG A 7 5.86 2.08 -4.88
CA ARG A 7 6.33 0.84 -5.45
C ARG A 7 5.81 -0.37 -4.69
N MET A 8 5.25 -0.14 -3.51
CA MET A 8 4.80 -1.23 -2.66
C MET A 8 3.42 -0.93 -2.09
N CYS A 9 2.61 -1.97 -1.95
CA CYS A 9 1.30 -1.85 -1.33
C CYS A 9 1.35 -2.40 0.08
N VAL A 10 0.98 -1.57 1.05
CA VAL A 10 1.07 -1.93 2.45
C VAL A 10 -0.29 -1.83 3.13
N PRO A 11 -0.48 -2.54 4.25
CA PRO A 11 -1.69 -2.44 5.06
C PRO A 11 -1.83 -1.03 5.65
N CYS A 12 -2.97 -0.40 5.40
CA CYS A 12 -3.21 0.96 5.86
C CYS A 12 -3.38 1.00 7.38
N NH2 A 13 -2.32 1.37 8.08
HN1 NH2 A 13 -1.51 1.61 7.60
HN2 NH2 A 13 -2.40 1.40 9.06
N SER A 1 -7.89 -2.70 4.36
CA SER A 1 -7.75 -2.18 2.99
C SER A 1 -6.29 -2.24 2.55
N THR A 2 -6.06 -2.12 1.24
CA THR A 2 -4.71 -2.09 0.71
C THR A 2 -4.33 -0.68 0.29
N CYS A 3 -3.26 -0.15 0.86
CA CYS A 3 -2.80 1.19 0.54
C CYS A 3 -1.41 1.15 -0.08
N CYS A 4 -1.32 1.54 -1.33
CA CYS A 4 -0.04 1.56 -2.01
C CYS A 4 0.56 2.95 -1.99
N GLY A 5 1.81 3.03 -1.58
CA GLY A 5 2.51 4.30 -1.56
C GLY A 5 3.01 4.67 -2.92
N TYR A 6 3.96 3.90 -3.43
CA TYR A 6 4.42 4.05 -4.80
C TYR A 6 4.46 2.69 -5.49
N ARG A 7 5.54 1.95 -5.28
CA ARG A 7 5.67 0.64 -5.89
C ARG A 7 5.40 -0.47 -4.86
N MET A 8 5.24 -0.08 -3.61
CA MET A 8 4.99 -1.03 -2.55
C MET A 8 3.62 -0.79 -1.93
N CYS A 9 2.89 -1.87 -1.71
CA CYS A 9 1.57 -1.77 -1.10
C CYS A 9 1.59 -2.35 0.31
N VAL A 10 0.96 -1.63 1.23
CA VAL A 10 0.92 -2.03 2.63
C VAL A 10 -0.53 -2.15 3.10
N PRO A 11 -0.77 -2.98 4.13
CA PRO A 11 -2.10 -3.12 4.73
C PRO A 11 -2.49 -1.90 5.56
N CYS A 12 -3.62 -1.31 5.24
CA CYS A 12 -4.12 -0.17 5.97
C CYS A 12 -5.52 -0.44 6.52
N NH2 A 13 -5.61 -0.69 7.82
HN1 NH2 A 13 -4.79 -0.65 8.35
HN2 NH2 A 13 -6.48 -0.90 8.19
N SER A 1 -7.40 -2.45 4.90
CA SER A 1 -7.45 -2.21 3.45
C SER A 1 -6.04 -2.24 2.87
N THR A 2 -5.91 -2.23 1.56
CA THR A 2 -4.61 -2.22 0.92
C THR A 2 -4.29 -0.82 0.39
N CYS A 3 -3.21 -0.23 0.85
CA CYS A 3 -2.83 1.11 0.42
C CYS A 3 -1.45 1.10 -0.25
N CYS A 4 -1.43 1.51 -1.51
CA CYS A 4 -0.19 1.55 -2.27
C CYS A 4 0.36 2.98 -2.31
N GLY A 5 1.63 3.10 -1.94
CA GLY A 5 2.27 4.40 -1.92
C GLY A 5 2.89 4.73 -3.26
N TYR A 6 3.90 3.96 -3.64
CA TYR A 6 4.54 4.11 -4.93
C TYR A 6 4.81 2.74 -5.55
N ARG A 7 5.87 2.09 -5.09
CA ARG A 7 6.24 0.79 -5.63
C ARG A 7 5.83 -0.35 -4.69
N MET A 8 5.25 0.00 -3.55
CA MET A 8 4.90 -1.01 -2.57
C MET A 8 3.50 -0.74 -2.01
N CYS A 9 2.78 -1.81 -1.72
CA CYS A 9 1.46 -1.70 -1.13
C CYS A 9 1.48 -2.30 0.28
N VAL A 10 1.02 -1.52 1.24
CA VAL A 10 1.04 -1.94 2.63
C VAL A 10 -0.38 -2.04 3.18
N PRO A 11 -0.61 -2.86 4.21
CA PRO A 11 -1.90 -2.97 4.86
C PRO A 11 -2.21 -1.71 5.67
N CYS A 12 -3.33 -1.09 5.35
CA CYS A 12 -3.74 0.13 6.02
C CYS A 12 -5.06 -0.07 6.73
N NH2 A 13 -5.02 -0.07 8.06
HN1 NH2 A 13 -4.16 0.08 8.49
HN2 NH2 A 13 -5.85 -0.22 8.55
N SER A 1 -6.98 -3.23 5.31
CA SER A 1 -7.16 -2.53 4.03
C SER A 1 -5.82 -2.38 3.32
N THR A 2 -5.86 -2.18 2.01
CA THR A 2 -4.65 -2.08 1.21
C THR A 2 -4.44 -0.65 0.71
N CYS A 3 -3.30 -0.06 1.06
CA CYS A 3 -2.94 1.27 0.59
C CYS A 3 -1.64 1.22 -0.20
N CYS A 4 -1.74 1.42 -1.51
CA CYS A 4 -0.56 1.43 -2.36
C CYS A 4 0.05 2.82 -2.38
N GLY A 5 1.37 2.86 -2.27
CA GLY A 5 2.07 4.13 -2.28
C GLY A 5 2.81 4.36 -3.58
N TYR A 6 4.04 3.89 -3.65
CA TYR A 6 4.85 4.07 -4.85
C TYR A 6 5.19 2.74 -5.50
N ARG A 7 6.12 2.01 -4.90
CA ARG A 7 6.61 0.78 -5.49
C ARG A 7 6.00 -0.46 -4.83
N MET A 8 5.18 -0.25 -3.81
CA MET A 8 4.60 -1.38 -3.09
C MET A 8 3.26 -0.99 -2.46
N CYS A 9 2.51 -1.99 -2.06
CA CYS A 9 1.24 -1.77 -1.36
C CYS A 9 1.34 -2.33 0.05
N VAL A 10 0.97 -1.50 1.02
CA VAL A 10 1.10 -1.87 2.42
C VAL A 10 -0.26 -1.82 3.10
N PRO A 11 -0.42 -2.56 4.22
CA PRO A 11 -1.63 -2.51 5.03
C PRO A 11 -1.82 -1.13 5.65
N CYS A 12 -2.98 -0.54 5.42
CA CYS A 12 -3.27 0.81 5.90
C CYS A 12 -3.31 0.83 7.43
N NH2 A 13 -2.31 1.44 8.03
HN1 NH2 A 13 -1.62 1.86 7.48
HN2 NH2 A 13 -2.31 1.46 9.02
N SER A 1 -7.56 -3.43 4.53
CA SER A 1 -7.45 -2.19 3.74
C SER A 1 -6.04 -2.05 3.19
N THR A 2 -5.92 -1.99 1.87
CA THR A 2 -4.62 -1.96 1.23
C THR A 2 -4.32 -0.58 0.62
N CYS A 3 -3.23 0.01 1.04
CA CYS A 3 -2.81 1.32 0.53
C CYS A 3 -1.51 1.20 -0.25
N CYS A 4 -1.57 1.47 -1.54
CA CYS A 4 -0.38 1.46 -2.37
C CYS A 4 0.24 2.85 -2.41
N GLY A 5 1.50 2.92 -2.01
CA GLY A 5 2.20 4.18 -1.96
C GLY A 5 2.88 4.50 -3.27
N TYR A 6 3.97 3.80 -3.56
CA TYR A 6 4.69 3.99 -4.81
C TYR A 6 5.04 2.66 -5.45
N ARG A 7 6.02 1.99 -4.88
CA ARG A 7 6.53 0.73 -5.44
C ARG A 7 5.99 -0.46 -4.67
N MET A 8 5.20 -0.19 -3.64
CA MET A 8 4.74 -1.23 -2.73
C MET A 8 3.33 -0.94 -2.25
N CYS A 9 2.63 -1.99 -1.84
CA CYS A 9 1.29 -1.84 -1.28
C CYS A 9 1.26 -2.43 0.12
N VAL A 10 1.00 -1.59 1.10
CA VAL A 10 1.06 -1.99 2.50
C VAL A 10 -0.31 -1.89 3.15
N PRO A 11 -0.51 -2.62 4.26
CA PRO A 11 -1.75 -2.50 5.04
C PRO A 11 -1.87 -1.12 5.66
N CYS A 12 -2.99 -0.46 5.39
CA CYS A 12 -3.21 0.92 5.83
C CYS A 12 -3.25 1.00 7.35
N NH2 A 13 -2.17 1.47 7.95
HN1 NH2 A 13 -1.41 1.74 7.39
HN2 NH2 A 13 -2.16 1.53 8.93
N SER A 1 -8.03 -3.33 3.10
CA SER A 1 -7.48 -2.00 3.43
C SER A 1 -5.99 -1.96 3.09
N THR A 2 -5.68 -1.85 1.81
CA THR A 2 -4.32 -1.88 1.35
C THR A 2 -3.97 -0.59 0.61
N CYS A 3 -2.95 0.11 1.07
CA CYS A 3 -2.57 1.39 0.47
C CYS A 3 -1.36 1.22 -0.44
N CYS A 4 -1.54 1.53 -1.71
CA CYS A 4 -0.44 1.48 -2.66
C CYS A 4 0.21 2.84 -2.81
N GLY A 5 1.30 3.04 -2.07
CA GLY A 5 1.97 4.32 -2.08
C GLY A 5 2.73 4.58 -3.37
N TYR A 6 3.83 3.88 -3.57
CA TYR A 6 4.64 4.04 -4.77
C TYR A 6 5.06 2.69 -5.34
N ARG A 7 5.92 2.00 -4.62
CA ARG A 7 6.50 0.76 -5.10
C ARG A 7 5.83 -0.45 -4.49
N MET A 8 5.25 -0.29 -3.32
CA MET A 8 4.67 -1.41 -2.60
C MET A 8 3.32 -1.04 -1.99
N CYS A 9 2.39 -1.98 -2.06
CA CYS A 9 1.09 -1.81 -1.42
C CYS A 9 1.14 -2.39 -0.02
N VAL A 10 0.96 -1.52 0.98
CA VAL A 10 1.07 -1.94 2.38
C VAL A 10 -0.30 -2.05 3.03
N PRO A 11 -0.43 -2.91 4.05
CA PRO A 11 -1.67 -3.06 4.81
C PRO A 11 -1.90 -1.89 5.76
N CYS A 12 -3.05 -1.27 5.66
CA CYS A 12 -3.38 -0.13 6.51
C CYS A 12 -4.52 -0.46 7.47
N NH2 A 13 -4.18 -1.00 8.63
HN1 NH2 A 13 -3.22 -1.14 8.81
HN2 NH2 A 13 -4.89 -1.24 9.26
N SER A 1 -7.22 -4.05 4.47
CA SER A 1 -6.92 -2.62 4.33
C SER A 1 -5.61 -2.43 3.55
N THR A 2 -5.72 -2.37 2.24
CA THR A 2 -4.56 -2.23 1.38
C THR A 2 -4.40 -0.80 0.88
N CYS A 3 -3.26 -0.19 1.18
CA CYS A 3 -2.96 1.16 0.72
C CYS A 3 -1.68 1.15 -0.12
N CYS A 4 -1.82 1.48 -1.39
CA CYS A 4 -0.67 1.50 -2.30
C CYS A 4 -0.03 2.87 -2.32
N GLY A 5 1.28 2.89 -2.54
CA GLY A 5 2.00 4.13 -2.58
C GLY A 5 2.82 4.26 -3.84
N TYR A 6 4.12 4.03 -3.73
CA TYR A 6 5.01 4.17 -4.87
C TYR A 6 5.47 2.81 -5.38
N ARG A 7 6.20 2.09 -4.54
CA ARG A 7 6.85 0.86 -4.97
C ARG A 7 6.09 -0.38 -4.52
N MET A 8 5.32 -0.26 -3.44
CA MET A 8 4.68 -1.42 -2.84
C MET A 8 3.36 -1.02 -2.19
N CYS A 9 2.39 -1.92 -2.22
CA CYS A 9 1.15 -1.73 -1.49
C CYS A 9 1.30 -2.31 -0.09
N VAL A 10 1.00 -1.49 0.91
CA VAL A 10 1.20 -1.88 2.29
C VAL A 10 -0.11 -1.82 3.06
N PRO A 11 -0.20 -2.56 4.19
CA PRO A 11 -1.36 -2.50 5.07
C PRO A 11 -1.53 -1.10 5.66
N CYS A 12 -2.73 -0.55 5.53
CA CYS A 12 -3.01 0.80 6.00
C CYS A 12 -2.93 0.86 7.52
N NH2 A 13 -1.84 1.42 8.03
HN1 NH2 A 13 -1.17 1.78 7.42
HN2 NH2 A 13 -1.76 1.46 9.01
N SER A 1 -7.48 -4.26 3.24
CA SER A 1 -7.25 -2.82 2.95
C SER A 1 -5.85 -2.60 2.41
N THR A 2 -5.74 -2.50 1.08
CA THR A 2 -4.47 -2.29 0.43
C THR A 2 -4.22 -0.80 0.19
N CYS A 3 -3.13 -0.28 0.73
CA CYS A 3 -2.72 1.10 0.47
C CYS A 3 -1.33 1.11 -0.15
N CYS A 4 -1.23 1.67 -1.34
CA CYS A 4 0.03 1.72 -2.06
C CYS A 4 0.56 3.15 -2.12
N GLY A 5 1.82 3.31 -1.73
CA GLY A 5 2.46 4.61 -1.84
C GLY A 5 2.93 4.86 -3.26
N TYR A 6 3.83 3.99 -3.71
CA TYR A 6 4.29 4.02 -5.08
C TYR A 6 4.45 2.59 -5.61
N ARG A 7 5.56 1.95 -5.27
CA ARG A 7 5.84 0.61 -5.76
C ARG A 7 5.56 -0.44 -4.68
N MET A 8 5.39 0.00 -3.45
CA MET A 8 5.15 -0.93 -2.34
C MET A 8 3.76 -0.70 -1.76
N CYS A 9 3.08 -1.79 -1.47
CA CYS A 9 1.73 -1.72 -0.92
C CYS A 9 1.68 -2.39 0.45
N VAL A 10 1.03 -1.73 1.40
CA VAL A 10 0.92 -2.23 2.75
C VAL A 10 -0.53 -2.20 3.21
N PRO A 11 -0.86 -2.97 4.26
CA PRO A 11 -2.18 -2.92 4.89
C PRO A 11 -2.41 -1.57 5.56
N CYS A 12 -3.49 -0.90 5.19
CA CYS A 12 -3.80 0.43 5.71
C CYS A 12 -4.04 0.38 7.22
N NH2 A 13 -3.13 0.98 7.97
HN1 NH2 A 13 -2.37 1.43 7.53
HN2 NH2 A 13 -3.25 0.95 8.95
N SER A 1 -7.66 -3.17 4.02
CA SER A 1 -7.43 -2.35 2.82
C SER A 1 -5.94 -2.34 2.49
N THR A 2 -5.62 -2.19 1.21
CA THR A 2 -4.23 -2.16 0.78
C THR A 2 -3.85 -0.76 0.27
N CYS A 3 -2.85 -0.16 0.89
CA CYS A 3 -2.42 1.18 0.51
C CYS A 3 -1.08 1.12 -0.21
N CYS A 4 -1.05 1.62 -1.43
CA CYS A 4 0.16 1.64 -2.24
C CYS A 4 0.59 3.07 -2.51
N GLY A 5 1.67 3.49 -1.84
CA GLY A 5 2.19 4.83 -2.03
C GLY A 5 2.73 5.00 -3.44
N TYR A 6 3.61 4.09 -3.83
CA TYR A 6 4.12 4.08 -5.19
C TYR A 6 4.22 2.65 -5.71
N ARG A 7 5.31 1.97 -5.38
CA ARG A 7 5.47 0.59 -5.77
C ARG A 7 5.21 -0.35 -4.59
N MET A 8 5.34 0.18 -3.39
CA MET A 8 5.14 -0.59 -2.18
C MET A 8 3.68 -0.57 -1.74
N CYS A 9 3.18 -1.73 -1.34
CA CYS A 9 1.80 -1.85 -0.91
C CYS A 9 1.73 -2.48 0.49
N VAL A 10 1.14 -1.75 1.42
CA VAL A 10 1.03 -2.22 2.79
C VAL A 10 -0.43 -2.19 3.24
N PRO A 11 -0.79 -2.98 4.27
CA PRO A 11 -2.12 -2.93 4.86
C PRO A 11 -2.38 -1.58 5.53
N CYS A 12 -3.46 -0.93 5.13
CA CYS A 12 -3.79 0.39 5.64
C CYS A 12 -4.15 0.33 7.11
N NH2 A 13 -3.25 0.78 7.97
HN1 NH2 A 13 -2.40 1.14 7.61
HN2 NH2 A 13 -3.44 0.73 8.92
N SER A 1 -8.54 -3.23 2.78
CA SER A 1 -7.73 -2.08 3.25
C SER A 1 -6.30 -2.19 2.77
N THR A 2 -6.09 -2.03 1.46
CA THR A 2 -4.76 -2.06 0.90
C THR A 2 -4.35 -0.66 0.44
N CYS A 3 -3.26 -0.16 0.99
CA CYS A 3 -2.79 1.19 0.66
C CYS A 3 -1.46 1.11 -0.08
N CYS A 4 -1.48 1.46 -1.36
CA CYS A 4 -0.27 1.49 -2.16
C CYS A 4 0.33 2.88 -2.15
N GLY A 5 1.66 2.94 -1.98
CA GLY A 5 2.36 4.20 -2.00
C GLY A 5 2.95 4.46 -3.36
N TYR A 6 4.06 3.81 -3.66
CA TYR A 6 4.67 3.94 -4.98
C TYR A 6 5.03 2.57 -5.54
N ARG A 7 6.06 1.96 -4.97
CA ARG A 7 6.55 0.67 -5.44
C ARG A 7 6.07 -0.48 -4.54
N MET A 8 5.36 -0.13 -3.47
CA MET A 8 4.96 -1.12 -2.48
C MET A 8 3.56 -0.84 -1.96
N CYS A 9 2.81 -1.89 -1.66
CA CYS A 9 1.50 -1.76 -1.07
C CYS A 9 1.48 -2.38 0.32
N VAL A 10 0.92 -1.66 1.28
CA VAL A 10 0.87 -2.12 2.66
C VAL A 10 -0.54 -2.07 3.19
N PRO A 11 -0.85 -2.88 4.23
CA PRO A 11 -2.15 -2.84 4.91
C PRO A 11 -2.37 -1.51 5.60
N CYS A 12 -3.49 -0.87 5.29
CA CYS A 12 -3.80 0.45 5.84
C CYS A 12 -4.03 0.38 7.35
N NH2 A 13 -3.05 0.81 8.13
HN1 NH2 A 13 -2.24 1.15 7.68
HN2 NH2 A 13 -3.16 0.77 9.09
N SER A 1 -7.12 -3.80 4.35
CA SER A 1 -6.94 -2.41 3.92
C SER A 1 -5.60 -2.24 3.21
N THR A 2 -5.64 -2.10 1.89
CA THR A 2 -4.43 -2.00 1.09
C THR A 2 -4.21 -0.56 0.60
N CYS A 3 -3.06 0.00 0.95
CA CYS A 3 -2.71 1.34 0.50
C CYS A 3 -1.44 1.28 -0.35
N CYS A 4 -1.64 1.36 -1.67
CA CYS A 4 -0.52 1.39 -2.61
C CYS A 4 0.01 2.81 -2.74
N GLY A 5 1.27 2.99 -2.39
CA GLY A 5 1.87 4.30 -2.46
C GLY A 5 2.63 4.50 -3.74
N TYR A 6 3.86 4.03 -3.77
CA TYR A 6 4.71 4.20 -4.94
C TYR A 6 5.07 2.84 -5.53
N ARG A 7 5.92 2.10 -4.84
CA ARG A 7 6.39 0.82 -5.34
C ARG A 7 5.67 -0.34 -4.66
N MET A 8 5.34 -0.17 -3.39
CA MET A 8 4.80 -1.26 -2.59
C MET A 8 3.42 -0.91 -2.07
N CYS A 9 2.57 -1.92 -1.94
CA CYS A 9 1.27 -1.75 -1.32
C CYS A 9 1.33 -2.29 0.10
N VAL A 10 1.15 -1.39 1.06
CA VAL A 10 1.26 -1.77 2.46
C VAL A 10 -0.12 -1.76 3.13
N PRO A 11 -0.27 -2.54 4.21
CA PRO A 11 -1.49 -2.51 5.01
C PRO A 11 -1.66 -1.16 5.69
N CYS A 12 -2.80 -0.53 5.47
CA CYS A 12 -3.04 0.81 5.98
C CYS A 12 -3.19 0.79 7.51
N NH2 A 13 -2.10 1.08 8.21
HN1 NH2 A 13 -1.28 1.30 7.71
HN2 NH2 A 13 -2.17 1.07 9.18
N SER A 1 -7.71 -3.37 4.39
CA SER A 1 -7.47 -2.26 3.46
C SER A 1 -6.02 -2.28 2.99
N THR A 2 -5.79 -1.97 1.72
CA THR A 2 -4.45 -1.97 1.17
C THR A 2 -4.10 -0.60 0.59
N CYS A 3 -3.03 0.00 1.11
CA CYS A 3 -2.58 1.29 0.62
C CYS A 3 -1.35 1.09 -0.25
N CYS A 4 -1.28 1.85 -1.35
CA CYS A 4 -0.12 1.78 -2.22
C CYS A 4 0.43 3.18 -2.47
N GLY A 5 1.73 3.33 -2.27
CA GLY A 5 2.37 4.60 -2.52
C GLY A 5 2.85 4.69 -3.94
N TYR A 6 4.10 4.33 -4.17
CA TYR A 6 4.63 4.26 -5.52
C TYR A 6 5.05 2.84 -5.86
N ARG A 7 5.95 2.30 -5.06
CA ARG A 7 6.46 0.96 -5.30
C ARG A 7 5.85 -0.08 -4.36
N MET A 8 5.40 0.36 -3.18
CA MET A 8 5.00 -0.58 -2.13
C MET A 8 3.52 -0.50 -1.84
N CYS A 9 2.99 -1.61 -1.32
CA CYS A 9 1.61 -1.69 -0.86
C CYS A 9 1.56 -2.37 0.50
N VAL A 10 0.93 -1.73 1.46
CA VAL A 10 0.86 -2.27 2.81
C VAL A 10 -0.58 -2.35 3.30
N PRO A 11 -0.87 -3.30 4.21
CA PRO A 11 -2.17 -3.40 4.86
C PRO A 11 -2.39 -2.27 5.85
N CYS A 12 -3.48 -1.55 5.67
CA CYS A 12 -3.82 -0.43 6.55
C CYS A 12 -5.08 -0.74 7.34
N NH2 A 13 -4.91 -1.28 8.53
HN1 NH2 A 13 -3.99 -1.43 8.85
HN2 NH2 A 13 -5.70 -1.51 9.05
N SER A 1 -7.98 -3.06 4.28
CA SER A 1 -7.71 -2.14 3.16
C SER A 1 -6.26 -2.27 2.72
N THR A 2 -5.99 -1.92 1.47
CA THR A 2 -4.64 -1.94 0.94
C THR A 2 -4.26 -0.57 0.41
N CYS A 3 -3.18 0.00 0.93
CA CYS A 3 -2.76 1.33 0.51
C CYS A 3 -1.49 1.25 -0.32
N CYS A 4 -1.62 1.47 -1.62
CA CYS A 4 -0.46 1.50 -2.50
C CYS A 4 0.11 2.91 -2.58
N GLY A 5 1.38 3.03 -2.25
CA GLY A 5 2.02 4.33 -2.26
C GLY A 5 2.83 4.53 -3.52
N TYR A 6 4.01 3.94 -3.56
CA TYR A 6 4.87 4.06 -4.73
C TYR A 6 5.01 2.71 -5.43
N ARG A 7 5.99 1.93 -5.01
CA ARG A 7 6.21 0.61 -5.59
C ARG A 7 5.72 -0.49 -4.65
N MET A 8 5.21 -0.09 -3.49
CA MET A 8 4.80 -1.06 -2.48
C MET A 8 3.39 -0.75 -1.99
N CYS A 9 2.63 -1.80 -1.73
CA CYS A 9 1.29 -1.65 -1.16
C CYS A 9 1.27 -2.20 0.25
N VAL A 10 1.05 -1.33 1.21
CA VAL A 10 1.07 -1.71 2.62
C VAL A 10 -0.32 -2.13 3.10
N PRO A 11 -0.37 -2.98 4.13
CA PRO A 11 -1.63 -3.42 4.72
C PRO A 11 -2.22 -2.36 5.63
N CYS A 12 -3.44 -1.96 5.36
CA CYS A 12 -4.11 -0.95 6.15
C CYS A 12 -5.35 -1.53 6.81
N NH2 A 13 -5.21 -1.94 8.05
HN1 NH2 A 13 -4.34 -1.84 8.48
HN2 NH2 A 13 -5.99 -2.34 8.50
N SER A 1 -7.05 -3.94 4.67
CA SER A 1 -7.15 -2.78 3.75
C SER A 1 -5.81 -2.53 3.08
N THR A 2 -5.82 -2.32 1.77
CA THR A 2 -4.60 -2.12 1.02
C THR A 2 -4.38 -0.64 0.70
N CYS A 3 -3.26 -0.11 1.15
CA CYS A 3 -2.87 1.26 0.86
C CYS A 3 -1.60 1.27 0.01
N CYS A 4 -1.72 1.74 -1.22
CA CYS A 4 -0.59 1.76 -2.14
C CYS A 4 0.11 3.10 -2.12
N GLY A 5 1.43 3.06 -2.18
CA GLY A 5 2.23 4.26 -2.21
C GLY A 5 2.89 4.47 -3.55
N TYR A 6 4.05 3.83 -3.75
CA TYR A 6 4.77 3.94 -5.00
C TYR A 6 5.18 2.56 -5.50
N ARG A 7 6.11 1.93 -4.79
CA ARG A 7 6.66 0.66 -5.22
C ARG A 7 6.08 -0.50 -4.41
N MET A 8 5.23 -0.20 -3.45
CA MET A 8 4.69 -1.23 -2.57
C MET A 8 3.31 -0.85 -2.05
N CYS A 9 2.42 -1.83 -2.03
CA CYS A 9 1.13 -1.66 -1.40
C CYS A 9 1.13 -2.37 -0.04
N VAL A 10 0.87 -1.61 1.00
CA VAL A 10 0.98 -2.12 2.36
C VAL A 10 -0.39 -2.15 3.04
N PRO A 11 -0.54 -2.97 4.09
CA PRO A 11 -1.74 -2.98 4.91
C PRO A 11 -1.89 -1.67 5.67
N CYS A 12 -3.04 -1.02 5.51
CA CYS A 12 -3.27 0.28 6.10
C CYS A 12 -3.30 0.19 7.63
N NH2 A 13 -2.21 0.60 8.26
HN1 NH2 A 13 -1.46 0.94 7.73
HN2 NH2 A 13 -2.19 0.54 9.25
N SER A 1 -7.64 -4.33 3.44
CA SER A 1 -7.37 -2.87 3.36
C SER A 1 -5.94 -2.65 2.86
N THR A 2 -5.80 -2.48 1.56
CA THR A 2 -4.48 -2.32 0.95
C THR A 2 -4.26 -0.88 0.46
N CYS A 3 -3.21 -0.26 0.95
CA CYS A 3 -2.85 1.10 0.53
C CYS A 3 -1.51 1.09 -0.20
N CYS A 4 -1.52 1.53 -1.45
CA CYS A 4 -0.31 1.58 -2.25
C CYS A 4 0.25 2.99 -2.30
N GLY A 5 1.49 3.14 -1.87
CA GLY A 5 2.13 4.43 -1.89
C GLY A 5 2.81 4.71 -3.21
N TYR A 6 3.90 4.00 -3.47
CA TYR A 6 4.58 4.12 -4.73
C TYR A 6 4.73 2.75 -5.39
N ARG A 7 5.79 2.03 -5.03
CA ARG A 7 6.06 0.74 -5.64
C ARG A 7 5.64 -0.40 -4.73
N MET A 8 5.33 -0.08 -3.47
CA MET A 8 4.94 -1.10 -2.51
C MET A 8 3.59 -0.79 -1.89
N CYS A 9 2.79 -1.81 -1.69
CA CYS A 9 1.49 -1.67 -1.06
C CYS A 9 1.52 -2.25 0.34
N VAL A 10 1.03 -1.50 1.31
CA VAL A 10 1.01 -1.93 2.69
C VAL A 10 -0.42 -2.02 3.20
N PRO A 11 -0.65 -2.81 4.27
CA PRO A 11 -1.94 -2.84 4.94
C PRO A 11 -2.22 -1.50 5.61
N CYS A 12 -3.36 -0.91 5.28
CA CYS A 12 -3.72 0.41 5.79
C CYS A 12 -3.94 0.37 7.30
N NH2 A 13 -2.96 0.83 8.05
HN1 NH2 A 13 -2.15 1.17 7.60
HN2 NH2 A 13 -3.07 0.82 9.02
N SER A 1 -8.15 -4.05 1.76
CA SER A 1 -7.74 -2.66 2.05
C SER A 1 -6.23 -2.51 1.87
N THR A 2 -5.81 -2.36 0.63
CA THR A 2 -4.40 -2.25 0.31
C THR A 2 -4.04 -0.81 -0.07
N CYS A 3 -3.10 -0.23 0.65
CA CYS A 3 -2.65 1.13 0.35
C CYS A 3 -1.26 1.13 -0.25
N CYS A 4 -1.20 1.17 -1.57
CA CYS A 4 0.07 1.26 -2.27
C CYS A 4 0.49 2.73 -2.37
N GLY A 5 1.63 3.05 -1.80
CA GLY A 5 2.12 4.41 -1.82
C GLY A 5 2.82 4.73 -3.12
N TYR A 6 3.88 3.99 -3.40
CA TYR A 6 4.61 4.14 -4.65
C TYR A 6 4.89 2.78 -5.25
N ARG A 7 5.92 2.12 -4.76
CA ARG A 7 6.24 0.77 -5.21
C ARG A 7 5.82 -0.27 -4.18
N MET A 8 5.70 0.16 -2.93
CA MET A 8 5.39 -0.75 -1.83
C MET A 8 3.92 -0.63 -1.43
N CYS A 9 3.31 -1.78 -1.17
CA CYS A 9 1.92 -1.82 -0.77
C CYS A 9 1.79 -2.36 0.64
N VAL A 10 1.16 -1.60 1.51
CA VAL A 10 0.96 -2.01 2.90
C VAL A 10 -0.52 -2.04 3.23
N PRO A 11 -0.90 -2.85 4.24
CA PRO A 11 -2.28 -2.87 4.73
C PRO A 11 -2.65 -1.52 5.34
N CYS A 12 -3.74 -0.94 4.88
CA CYS A 12 -4.16 0.38 5.33
C CYS A 12 -4.48 0.39 6.82
N NH2 A 13 -3.56 0.92 7.61
HN1 NH2 A 13 -2.75 1.28 7.20
HN2 NH2 A 13 -3.73 0.92 8.58
N SER A 1 -8.03 -4.17 3.18
CA SER A 1 -7.58 -2.78 3.35
C SER A 1 -6.13 -2.64 2.88
N THR A 2 -5.95 -2.31 1.61
CA THR A 2 -4.61 -2.20 1.02
C THR A 2 -4.34 -0.77 0.57
N CYS A 3 -3.25 -0.18 1.07
CA CYS A 3 -2.87 1.18 0.70
C CYS A 3 -1.54 1.16 -0.05
N CYS A 4 -1.57 1.55 -1.31
CA CYS A 4 -0.37 1.56 -2.14
C CYS A 4 0.23 2.96 -2.21
N GLY A 5 1.55 3.03 -2.06
CA GLY A 5 2.24 4.30 -2.14
C GLY A 5 2.83 4.53 -3.51
N TYR A 6 4.02 3.99 -3.72
CA TYR A 6 4.68 4.12 -5.02
C TYR A 6 5.03 2.75 -5.58
N ARG A 7 5.99 2.08 -4.97
CA ARG A 7 6.47 0.81 -5.48
C ARG A 7 5.94 -0.37 -4.67
N MET A 8 5.34 -0.09 -3.52
CA MET A 8 4.89 -1.14 -2.61
C MET A 8 3.55 -0.81 -1.99
N CYS A 9 2.77 -1.84 -1.71
CA CYS A 9 1.49 -1.68 -1.05
C CYS A 9 1.55 -2.26 0.36
N VAL A 10 1.01 -1.53 1.32
CA VAL A 10 1.01 -1.97 2.71
C VAL A 10 -0.42 -2.04 3.24
N PRO A 11 -0.66 -2.88 4.26
CA PRO A 11 -1.95 -2.96 4.94
C PRO A 11 -2.24 -1.68 5.71
N CYS A 12 -3.37 -1.06 5.43
CA CYS A 12 -3.73 0.21 6.05
C CYS A 12 -4.04 0.02 7.52
N NH2 A 13 -3.09 0.35 8.38
HN1 NH2 A 13 -2.25 0.70 8.03
HN2 NH2 A 13 -3.27 0.23 9.34
#